data_7G9F
#
_entry.id   7G9F
#
_cell.length_a   70.700
_cell.length_b   70.700
_cell.length_c   195.747
_cell.angle_alpha   90.000
_cell.angle_beta   90.000
_cell.angle_gamma   90.000
#
_symmetry.space_group_name_H-M   'P 43 21 2'
#
loop_
_entity.id
_entity.type
_entity.pdbx_description
1 polymer 'Transforming protein RhoA'
2 polymer 'Rho guanine nucleotide exchange factor 2'
3 non-polymer 'DIMETHYL SULFOXIDE'
4 non-polymer 'FORMIC ACID'
5 non-polymer N-(6-chloro-2H-1,3-benzodioxol-5-yl)acetamide
6 water water
#
loop_
_entity_poly.entity_id
_entity_poly.type
_entity_poly.pdbx_seq_one_letter_code
_entity_poly.pdbx_strand_id
1 'polypeptide(L)'
;SMAAIRKKLVIVGDGACGKTCLLIVFSKDQFPEVYVPTVFENYVADIEVDGKQVELALWDTAGQEDYDRLRPLSYPDTDV
ILMCFSIDSPDSLENIPEKWTPEVKHFCPNVPIILVGNKKDLRNDEHTRRELAKMKQEPVKPEEGRDMANRIGAFGYMEC
SAKTKDGVREVFEMATRAALQARRG
;
A
2 'polypeptide(L)'
;SMEMDEKDFAADSWSLAVDSSFLQQHKKEVMKQQDVIYELIQTELHHVRTLKIMTRLFRTGMLEELHLEPGVVQGLFPCV
DELSDIHTRFLSQLLERRRQALCPGSTRNFVIHRLGDLLISQFSGPSAEQMCKTYSEFCSRHSKALKLYKELYARDKRFQ
QFIRKVTRPAVLKRHGVQECILLVTQRITKYPLLISRILQHSHGIEEERQDLTTALGLVKELLSNVDEGIYQLEKGARLQ
EIYNR
;
B
#
# COMPACT_ATOMS: atom_id res chain seq x y z
N ALA A 4 23.57 -4.76 -5.68
CA ALA A 4 23.60 -3.41 -5.08
C ALA A 4 23.03 -3.41 -3.65
N ILE A 5 23.43 -2.42 -2.84
CA ILE A 5 22.98 -2.25 -1.47
C ILE A 5 21.47 -1.97 -1.43
N ARG A 6 20.77 -2.61 -0.50
CA ARG A 6 19.34 -2.46 -0.39
C ARG A 6 19.02 -1.60 0.84
N LYS A 7 18.23 -0.53 0.64
CA LYS A 7 17.82 0.38 1.70
C LYS A 7 16.33 0.51 1.72
N LYS A 8 15.73 0.74 2.88
CA LYS A 8 14.28 0.84 3.01
C LYS A 8 13.80 2.25 3.39
N LEU A 9 12.78 2.73 2.69
CA LEU A 9 12.17 4.01 2.94
C LEU A 9 10.70 3.83 3.34
N VAL A 10 10.24 4.55 4.36
CA VAL A 10 8.85 4.56 4.73
C VAL A 10 8.40 6.03 4.76
N ILE A 11 7.23 6.32 4.21
CA ILE A 11 6.69 7.67 4.23
CA ILE A 11 6.67 7.67 4.22
C ILE A 11 5.55 7.72 5.23
N VAL A 12 5.61 8.68 6.12
CA VAL A 12 4.61 8.86 7.16
CA VAL A 12 4.68 8.87 7.20
C VAL A 12 3.99 10.25 7.03
N GLY A 13 2.87 10.47 7.69
CA GLY A 13 2.16 11.74 7.61
C GLY A 13 0.66 11.54 7.65
N ASP A 14 -0.08 12.62 7.91
CA ASP A 14 -1.52 12.55 8.00
C ASP A 14 -2.16 12.07 6.71
N GLY A 15 -3.41 11.59 6.79
CA GLY A 15 -4.14 11.20 5.59
C GLY A 15 -4.36 12.42 4.69
N ALA A 16 -4.23 12.24 3.38
CA ALA A 16 -4.35 13.32 2.41
C ALA A 16 -3.24 14.37 2.52
N CYS A 17 -2.04 13.96 2.98
CA CYS A 17 -0.88 14.85 2.97
C CYS A 17 -0.09 14.67 1.62
N GLY A 18 -0.62 13.86 0.67
CA GLY A 18 -0.03 13.55 -0.63
C GLY A 18 1.01 12.45 -0.66
N LYS A 19 1.17 11.66 0.44
CA LYS A 19 2.21 10.63 0.45
CA LYS A 19 2.21 10.63 0.45
C LYS A 19 2.00 9.53 -0.60
N THR A 20 0.75 9.07 -0.84
CA THR A 20 0.53 8.04 -1.85
C THR A 20 0.86 8.58 -3.25
N CYS A 21 0.41 9.81 -3.54
CA CYS A 21 0.65 10.48 -4.81
C CYS A 21 2.11 10.65 -5.12
N LEU A 22 2.92 11.02 -4.08
CA LEU A 22 4.35 11.19 -4.18
C LEU A 22 5.06 9.88 -4.54
N LEU A 23 4.69 8.75 -3.91
CA LEU A 23 5.31 7.46 -4.23
C LEU A 23 5.00 6.99 -5.65
N ILE A 24 3.75 7.22 -6.10
CA ILE A 24 3.24 6.84 -7.43
C ILE A 24 3.94 7.62 -8.54
N VAL A 25 4.07 8.93 -8.34
CA VAL A 25 4.69 9.81 -9.33
C VAL A 25 6.21 9.51 -9.48
N PHE A 26 6.87 9.15 -8.39
CA PHE A 26 8.27 8.81 -8.45
C PHE A 26 8.43 7.40 -9.08
N SER A 27 7.64 6.42 -8.62
CA SER A 27 7.75 5.06 -9.15
C SER A 27 7.33 4.92 -10.62
N LYS A 28 6.52 5.85 -11.16
CA LYS A 28 6.14 5.84 -12.57
C LYS A 28 6.97 6.83 -13.44
N ASP A 29 7.54 7.90 -12.81
CA ASP A 29 8.34 9.02 -13.40
C ASP A 29 7.45 10.10 -14.08
N GLN A 30 6.17 10.20 -13.68
CA GLN A 30 5.26 11.21 -14.25
C GLN A 30 3.96 11.33 -13.45
N PHE A 31 3.18 12.42 -13.67
CA PHE A 31 1.86 12.49 -13.02
C PHE A 31 0.92 11.63 -13.89
N PRO A 32 0.31 10.57 -13.29
CA PRO A 32 -0.57 9.66 -14.07
C PRO A 32 -1.65 10.37 -14.89
N GLU A 33 -1.44 10.41 -16.21
CA GLU A 33 -2.31 11.11 -17.14
C GLU A 33 -3.75 10.63 -17.24
N VAL A 34 -3.99 9.31 -17.09
CA VAL A 34 -5.34 8.78 -17.29
C VAL A 34 -6.04 8.43 -15.98
N TYR A 35 -5.32 7.85 -15.03
CA TYR A 35 -5.91 7.46 -13.76
C TYR A 35 -4.84 7.44 -12.70
N VAL A 36 -5.12 8.10 -11.58
CA VAL A 36 -4.22 8.08 -10.47
C VAL A 36 -4.77 6.98 -9.57
N PRO A 37 -3.93 5.98 -9.25
CA PRO A 37 -4.38 4.93 -8.34
C PRO A 37 -4.72 5.43 -6.94
N THR A 38 -5.60 4.71 -6.27
CA THR A 38 -6.01 5.01 -4.90
C THR A 38 -4.93 4.55 -3.91
N VAL A 39 -4.26 3.42 -4.22
CA VAL A 39 -3.31 2.84 -3.30
C VAL A 39 -1.94 2.56 -3.92
N PHE A 40 -0.92 2.42 -3.07
CA PHE A 40 0.43 2.08 -3.47
C PHE A 40 0.73 0.73 -2.78
N GLU A 41 1.27 -0.23 -3.53
CA GLU A 41 1.60 -1.53 -2.91
C GLU A 41 2.98 -1.45 -2.26
N ASN A 42 4.04 -1.47 -3.10
CA ASN A 42 5.43 -1.30 -2.74
C ASN A 42 6.18 -1.06 -4.05
N TYR A 43 7.45 -0.72 -3.97
CA TYR A 43 8.27 -0.49 -5.15
C TYR A 43 9.73 -0.59 -4.76
N VAL A 44 10.59 -1.10 -5.65
CA VAL A 44 12.02 -1.16 -5.39
C VAL A 44 12.66 -0.36 -6.51
N ALA A 45 13.14 0.86 -6.21
CA ALA A 45 13.73 1.74 -7.21
C ALA A 45 15.23 1.54 -7.32
N ASP A 46 15.79 1.61 -8.54
CA ASP A 46 17.23 1.51 -8.72
C ASP A 46 17.65 2.93 -8.87
N ILE A 47 18.40 3.42 -7.89
CA ILE A 47 18.83 4.81 -7.83
CA ILE A 47 18.83 4.80 -7.90
C ILE A 47 20.33 4.91 -7.83
N GLU A 48 20.90 5.81 -8.64
CA GLU A 48 22.33 6.06 -8.64
CA GLU A 48 22.33 6.07 -8.60
C GLU A 48 22.51 7.48 -8.06
N VAL A 49 23.04 7.61 -6.84
CA VAL A 49 23.23 8.92 -6.23
C VAL A 49 24.68 9.10 -5.82
N ASP A 50 25.31 10.19 -6.28
CA ASP A 50 26.70 10.53 -6.02
C ASP A 50 27.65 9.37 -6.35
N GLY A 51 27.34 8.61 -7.41
CA GLY A 51 28.14 7.47 -7.86
C GLY A 51 27.88 6.15 -7.16
N LYS A 52 26.87 6.08 -6.30
CA LYS A 52 26.55 4.86 -5.57
C LYS A 52 25.26 4.25 -6.11
N GLN A 53 25.27 2.95 -6.37
CA GLN A 53 24.07 2.26 -6.87
CA GLN A 53 24.11 2.23 -6.89
C GLN A 53 23.32 1.65 -5.71
N VAL A 54 22.07 2.08 -5.52
CA VAL A 54 21.24 1.62 -4.41
C VAL A 54 19.88 1.06 -4.88
N GLU A 55 19.39 0.04 -4.19
CA GLU A 55 18.06 -0.52 -4.38
C GLU A 55 17.21 0.10 -3.27
N LEU A 56 16.38 1.08 -3.61
CA LEU A 56 15.53 1.74 -2.63
C LEU A 56 14.09 1.17 -2.56
N ALA A 57 13.79 0.40 -1.51
CA ALA A 57 12.46 -0.19 -1.33
C ALA A 57 11.52 0.87 -0.74
N LEU A 58 10.42 1.21 -1.43
CA LEU A 58 9.46 2.25 -1.04
C LEU A 58 8.20 1.65 -0.37
N TRP A 59 7.78 2.25 0.74
CA TRP A 59 6.63 1.80 1.48
C TRP A 59 5.81 3.00 1.94
N ASP A 60 4.52 2.83 1.97
CA ASP A 60 3.55 3.86 2.36
C ASP A 60 2.85 3.41 3.67
N THR A 61 2.30 4.36 4.42
CA THR A 61 1.54 4.06 5.64
C THR A 61 0.05 4.49 5.51
N ALA A 62 -0.40 4.98 4.34
CA ALA A 62 -1.80 5.36 4.11
C ALA A 62 -2.75 4.19 4.40
N GLY A 63 -3.82 4.48 5.11
CA GLY A 63 -4.76 3.46 5.56
C GLY A 63 -4.47 2.99 6.97
N GLN A 64 -3.21 3.19 7.46
CA GLN A 64 -2.80 2.77 8.78
C GLN A 64 -2.92 3.84 9.87
N GLU A 65 -3.20 5.11 9.49
CA GLU A 65 -3.25 6.25 10.40
C GLU A 65 -4.15 6.08 11.63
N ASP A 66 -5.26 5.34 11.54
CA ASP A 66 -6.13 5.14 12.70
C ASP A 66 -5.83 3.86 13.48
N TYR A 67 -4.88 3.02 13.04
CA TYR A 67 -4.64 1.72 13.68
C TYR A 67 -3.26 1.66 14.30
N ASP A 68 -3.20 2.03 15.57
CA ASP A 68 -1.98 2.20 16.32
C ASP A 68 -1.20 0.92 16.58
N ARG A 69 -1.84 -0.24 16.53
CA ARG A 69 -1.12 -1.50 16.69
C ARG A 69 -0.68 -2.10 15.34
N LEU A 70 -1.34 -1.75 14.25
CA LEU A 70 -0.97 -2.27 12.92
C LEU A 70 0.15 -1.47 12.29
N ARG A 71 0.05 -0.12 12.36
CA ARG A 71 1.00 0.83 11.77
C ARG A 71 2.47 0.57 12.08
N PRO A 72 2.87 0.31 13.35
CA PRO A 72 4.28 0.07 13.62
C PRO A 72 4.89 -1.12 12.88
N LEU A 73 4.06 -2.08 12.38
CA LEU A 73 4.58 -3.22 11.61
C LEU A 73 5.24 -2.76 10.28
N SER A 74 5.03 -1.50 9.87
CA SER A 74 5.65 -0.91 8.71
C SER A 74 7.07 -0.44 9.00
N TYR A 75 7.42 -0.19 10.26
CA TYR A 75 8.72 0.37 10.65
C TYR A 75 9.94 -0.54 10.65
N PRO A 76 9.88 -1.84 10.99
CA PRO A 76 11.14 -2.64 11.04
C PRO A 76 12.13 -2.45 9.90
N ASP A 77 13.39 -2.22 10.26
CA ASP A 77 14.55 -2.07 9.37
C ASP A 77 14.50 -0.87 8.41
N THR A 78 13.73 0.17 8.74
CA THR A 78 13.70 1.36 7.91
C THR A 78 15.09 2.09 7.98
N ASP A 79 15.58 2.59 6.84
CA ASP A 79 16.86 3.30 6.77
C ASP A 79 16.70 4.84 6.67
N VAL A 80 15.52 5.31 6.20
CA VAL A 80 15.17 6.71 6.05
C VAL A 80 13.66 6.86 6.14
N ILE A 81 13.20 7.94 6.78
CA ILE A 81 11.79 8.25 6.91
C ILE A 81 11.49 9.58 6.19
N LEU A 82 10.48 9.59 5.31
CA LEU A 82 10.03 10.84 4.75
C LEU A 82 8.82 11.19 5.62
N MET A 83 8.93 12.27 6.36
CA MET A 83 7.84 12.73 7.22
CA MET A 83 7.87 12.76 7.26
C MET A 83 7.13 13.84 6.47
N CYS A 84 5.98 13.51 5.93
CA CYS A 84 5.19 14.35 5.05
CA CYS A 84 5.20 14.38 5.05
C CYS A 84 4.11 15.18 5.73
N PHE A 85 3.89 16.37 5.19
CA PHE A 85 2.85 17.33 5.53
C PHE A 85 2.45 18.06 4.24
N SER A 86 1.24 18.59 4.22
CA SER A 86 0.75 19.33 3.08
C SER A 86 0.85 20.83 3.30
N ILE A 87 1.42 21.57 2.32
CA ILE A 87 1.60 23.02 2.41
C ILE A 87 0.22 23.78 2.37
N ASP A 88 -0.84 23.14 1.86
CA ASP A 88 -2.18 23.73 1.90
C ASP A 88 -2.96 23.39 3.20
N SER A 89 -2.32 22.65 4.12
CA SER A 89 -2.94 22.23 5.36
C SER A 89 -2.02 22.55 6.54
N PRO A 90 -2.05 23.80 7.04
CA PRO A 90 -1.22 24.16 8.20
C PRO A 90 -1.43 23.28 9.43
N ASP A 91 -2.61 22.67 9.56
CA ASP A 91 -2.95 21.78 10.66
C ASP A 91 -2.14 20.49 10.58
N SER A 92 -1.87 19.98 9.37
CA SER A 92 -1.07 18.76 9.22
C SER A 92 0.38 18.96 9.71
N LEU A 93 0.89 20.21 9.66
CA LEU A 93 2.22 20.56 10.16
C LEU A 93 2.26 20.61 11.70
N GLU A 94 1.15 20.97 12.33
CA GLU A 94 1.02 21.03 13.78
C GLU A 94 1.06 19.61 14.39
N ASN A 95 0.55 18.59 13.65
CA ASN A 95 0.57 17.19 14.09
C ASN A 95 1.95 16.51 13.93
N ILE A 96 2.87 17.13 13.22
CA ILE A 96 4.22 16.62 13.05
C ILE A 96 4.99 16.46 14.40
N PRO A 97 5.16 17.52 15.25
CA PRO A 97 6.00 17.35 16.45
C PRO A 97 5.41 16.59 17.62
N GLU A 98 4.08 16.47 17.70
CA GLU A 98 3.48 15.82 18.85
C GLU A 98 2.81 14.51 18.56
N LYS A 99 2.67 14.11 17.27
CA LYS A 99 2.08 12.80 16.98
C LYS A 99 3.09 11.93 16.24
N TRP A 100 3.58 12.39 15.09
CA TRP A 100 4.46 11.60 14.23
C TRP A 100 5.88 11.48 14.69
N THR A 101 6.49 12.57 15.15
CA THR A 101 7.88 12.56 15.62
C THR A 101 8.10 11.63 16.85
N PRO A 102 7.31 11.69 17.96
CA PRO A 102 7.56 10.76 19.07
C PRO A 102 7.47 9.30 18.65
N GLU A 103 6.52 8.97 17.77
CA GLU A 103 6.34 7.62 17.29
C GLU A 103 7.53 7.20 16.41
N VAL A 104 7.91 8.04 15.45
CA VAL A 104 9.03 7.69 14.55
C VAL A 104 10.33 7.55 15.34
N LYS A 105 10.54 8.39 16.38
CA LYS A 105 11.78 8.28 17.14
C LYS A 105 11.79 7.09 18.10
N HIS A 106 10.60 6.69 18.60
CA HIS A 106 10.45 5.54 19.49
C HIS A 106 10.71 4.22 18.72
N PHE A 107 10.05 4.01 17.57
CA PHE A 107 10.19 2.80 16.77
C PHE A 107 11.43 2.79 15.86
N CYS A 108 11.89 3.97 15.40
CA CYS A 108 13.06 4.08 14.52
C CYS A 108 14.14 5.01 15.12
N PRO A 109 14.72 4.68 16.30
CA PRO A 109 15.74 5.58 16.87
C PRO A 109 17.00 5.61 15.98
N ASN A 110 17.58 6.79 15.80
CA ASN A 110 18.76 6.98 14.95
C ASN A 110 18.49 6.95 13.45
N VAL A 111 17.23 6.71 13.03
CA VAL A 111 16.88 6.70 11.62
C VAL A 111 16.68 8.14 11.15
N PRO A 112 17.41 8.57 10.11
CA PRO A 112 17.25 9.95 9.62
C PRO A 112 15.84 10.26 9.11
N ILE A 113 15.33 11.46 9.45
CA ILE A 113 14.01 11.88 9.00
C ILE A 113 14.15 13.08 8.08
N ILE A 114 13.49 13.07 6.92
CA ILE A 114 13.45 14.25 6.07
C ILE A 114 12.05 14.82 6.20
N LEU A 115 11.92 16.11 6.49
CA LEU A 115 10.60 16.74 6.58
C LEU A 115 10.29 17.20 5.21
N VAL A 116 9.21 16.69 4.63
CA VAL A 116 8.83 17.01 3.27
C VAL A 116 7.53 17.78 3.18
N GLY A 117 7.61 18.96 2.62
CA GLY A 117 6.44 19.78 2.35
C GLY A 117 5.91 19.47 0.96
N ASN A 118 4.78 18.75 0.90
CA ASN A 118 4.12 18.36 -0.34
CA ASN A 118 4.19 18.41 -0.39
C ASN A 118 3.16 19.45 -0.85
N LYS A 119 2.77 19.37 -2.14
CA LYS A 119 1.79 20.28 -2.76
C LYS A 119 2.22 21.72 -2.74
N LYS A 120 3.50 21.97 -3.01
CA LYS A 120 4.03 23.33 -2.98
C LYS A 120 3.43 24.24 -4.06
N ASP A 121 2.80 23.67 -5.09
CA ASP A 121 2.10 24.37 -6.17
C ASP A 121 0.87 25.11 -5.63
N LEU A 122 0.22 24.57 -4.59
CA LEU A 122 -0.95 25.22 -3.99
C LEU A 122 -0.63 26.52 -3.22
N ARG A 123 0.66 26.90 -3.13
CA ARG A 123 1.04 28.14 -2.46
C ARG A 123 0.56 29.37 -3.27
N ASN A 124 0.42 29.22 -4.59
CA ASN A 124 -0.05 30.30 -5.45
C ASN A 124 -1.43 29.99 -6.09
N ASP A 125 -2.19 29.06 -5.48
CA ASP A 125 -3.52 28.66 -5.90
C ASP A 125 -4.51 29.58 -5.19
N GLU A 126 -5.32 30.34 -5.97
CA GLU A 126 -6.28 31.27 -5.40
C GLU A 126 -7.35 30.59 -4.59
N HIS A 127 -7.84 29.44 -5.05
CA HIS A 127 -8.87 28.69 -4.32
C HIS A 127 -8.38 28.20 -2.95
N THR A 128 -7.11 27.78 -2.87
CA THR A 128 -6.52 27.29 -1.62
C THR A 128 -6.39 28.43 -0.63
N ARG A 129 -5.88 29.57 -1.09
CA ARG A 129 -5.72 30.75 -0.25
C ARG A 129 -7.05 31.23 0.29
N ARG A 130 -8.12 31.17 -0.54
CA ARG A 130 -9.45 31.59 -0.14
C ARG A 130 -10.03 30.64 0.89
N GLU A 131 -9.91 29.33 0.68
CA GLU A 131 -10.42 28.34 1.62
C GLU A 131 -9.74 28.46 2.97
N LEU A 132 -8.42 28.69 2.96
CA LEU A 132 -7.65 28.85 4.19
C LEU A 132 -7.96 30.18 4.88
N ALA A 133 -8.25 31.24 4.12
CA ALA A 133 -8.58 32.53 4.71
C ALA A 133 -9.88 32.48 5.51
N LYS A 134 -10.83 31.62 5.12
CA LYS A 134 -12.09 31.45 5.84
C LYS A 134 -11.86 30.84 7.23
N MET A 135 -10.87 29.93 7.34
CA MET A 135 -10.50 29.29 8.60
C MET A 135 -9.36 30.05 9.33
N LYS A 136 -9.22 31.38 9.07
CA LYS A 136 -8.18 32.27 9.65
C LYS A 136 -6.74 31.72 9.47
N GLN A 137 -6.44 31.18 8.28
CA GLN A 137 -5.15 30.57 8.00
C GLN A 137 -4.58 30.95 6.62
N GLU A 138 -3.36 30.50 6.33
CA GLU A 138 -2.69 30.69 5.04
C GLU A 138 -1.77 29.50 4.75
N PRO A 139 -1.39 29.26 3.48
CA PRO A 139 -0.48 28.14 3.19
C PRO A 139 0.84 28.22 3.96
N VAL A 140 1.39 27.06 4.32
CA VAL A 140 2.64 26.96 5.07
C VAL A 140 3.77 27.70 4.39
N LYS A 141 4.32 28.72 5.04
CA LYS A 141 5.45 29.50 4.52
C LYS A 141 6.73 28.65 4.59
N PRO A 142 7.67 28.84 3.64
CA PRO A 142 8.89 28.02 3.64
C PRO A 142 9.71 28.04 4.93
N GLU A 143 9.75 29.19 5.62
CA GLU A 143 10.45 29.33 6.89
C GLU A 143 9.73 28.59 8.04
N GLU A 144 8.42 28.35 7.92
CA GLU A 144 7.69 27.59 8.95
C GLU A 144 8.05 26.11 8.87
N GLY A 145 8.26 25.62 7.63
CA GLY A 145 8.67 24.26 7.37
C GLY A 145 10.09 24.07 7.86
N ARG A 146 11.00 25.02 7.52
CA ARG A 146 12.40 24.96 8.00
C ARG A 146 12.47 25.05 9.54
N ASP A 147 11.64 25.89 10.16
CA ASP A 147 11.63 25.99 11.62
C ASP A 147 11.13 24.72 12.27
N MET A 148 10.18 24.00 11.64
CA MET A 148 9.68 22.74 12.16
C MET A 148 10.72 21.63 12.01
N ALA A 149 11.36 21.56 10.84
CA ALA A 149 12.40 20.56 10.59
C ALA A 149 13.56 20.71 11.58
N ASN A 150 13.91 21.99 11.90
CA ASN A 150 14.94 22.35 12.84
C ASN A 150 14.50 21.93 14.22
N ARG A 151 13.29 22.29 14.63
CA ARG A 151 12.75 21.93 15.94
C ARG A 151 12.68 20.41 16.20
N ILE A 152 12.37 19.58 15.20
CA ILE A 152 12.23 18.13 15.42
C ILE A 152 13.55 17.34 15.18
N GLY A 153 14.65 18.04 14.91
CA GLY A 153 15.92 17.39 14.68
C GLY A 153 15.94 16.59 13.40
N ALA A 154 15.23 17.08 12.36
CA ALA A 154 15.24 16.37 11.07
C ALA A 154 16.62 16.49 10.39
N PHE A 155 16.92 15.55 9.50
CA PHE A 155 18.15 15.56 8.70
C PHE A 155 18.16 16.77 7.72
N GLY A 156 16.98 17.17 7.26
CA GLY A 156 16.76 18.29 6.37
C GLY A 156 15.30 18.58 6.08
N TYR A 157 15.04 19.68 5.35
CA TYR A 157 13.73 20.14 4.91
C TYR A 157 13.72 20.19 3.40
N MET A 158 12.67 19.64 2.77
CA MET A 158 12.54 19.67 1.30
C MET A 158 11.11 19.94 0.88
N GLU A 159 10.94 20.57 -0.26
CA GLU A 159 9.60 20.84 -0.80
C GLU A 159 9.46 20.20 -2.18
N CYS A 160 8.27 19.70 -2.46
CA CYS A 160 7.98 19.13 -3.75
C CYS A 160 6.52 19.30 -4.12
N SER A 161 6.22 19.00 -5.37
CA SER A 161 4.87 19.00 -5.90
C SER A 161 4.70 17.72 -6.71
N ALA A 162 3.88 16.77 -6.25
CA ALA A 162 3.63 15.53 -7.03
C ALA A 162 2.79 15.84 -8.30
N LYS A 163 1.97 16.90 -8.28
CA LYS A 163 1.16 17.29 -9.45
C LYS A 163 2.06 17.74 -10.62
N THR A 164 3.01 18.64 -10.37
CA THR A 164 3.90 19.13 -11.42
C THR A 164 5.23 18.34 -11.52
N LYS A 165 5.49 17.41 -10.57
CA LYS A 165 6.73 16.63 -10.50
C LYS A 165 7.97 17.45 -10.07
N ASP A 166 7.79 18.73 -9.68
CA ASP A 166 8.92 19.54 -9.25
C ASP A 166 9.41 19.17 -7.86
N GLY A 167 10.69 18.81 -7.79
CA GLY A 167 11.35 18.46 -6.53
C GLY A 167 11.24 17.02 -6.11
N VAL A 168 10.47 16.20 -6.84
CA VAL A 168 10.23 14.80 -6.49
C VAL A 168 11.51 13.97 -6.59
N ARG A 169 12.24 14.06 -7.70
CA ARG A 169 13.47 13.30 -7.88
C ARG A 169 14.52 13.66 -6.82
N GLU A 170 14.67 14.95 -6.50
CA GLU A 170 15.62 15.41 -5.49
C GLU A 170 15.30 14.85 -4.09
N VAL A 171 13.99 14.78 -3.73
CA VAL A 171 13.60 14.20 -2.43
C VAL A 171 14.09 12.74 -2.28
N PHE A 172 13.86 11.89 -3.30
CA PHE A 172 14.23 10.47 -3.24
C PHE A 172 15.75 10.23 -3.40
N GLU A 173 16.46 11.11 -4.12
CA GLU A 173 17.91 11.01 -4.20
C GLU A 173 18.50 11.40 -2.82
N MET A 174 17.95 12.45 -2.18
CA MET A 174 18.43 12.88 -0.87
C MET A 174 18.14 11.82 0.19
N ALA A 175 16.95 11.20 0.14
CA ALA A 175 16.61 10.11 1.08
C ALA A 175 17.58 8.93 0.94
N THR A 176 18.08 8.67 -0.28
CA THR A 176 19.03 7.59 -0.52
C THR A 176 20.35 7.92 0.15
N ARG A 177 20.82 9.16 -0.02
CA ARG A 177 22.06 9.65 0.61
C ARG A 177 21.92 9.55 2.14
N ALA A 178 20.79 10.00 2.70
CA ALA A 178 20.56 9.93 4.14
C ALA A 178 20.55 8.49 4.65
N ALA A 179 19.98 7.54 3.87
CA ALA A 179 19.96 6.13 4.25
C ALA A 179 21.37 5.51 4.23
N LEU A 180 22.23 5.97 3.31
CA LEU A 180 23.58 5.44 3.17
C LEU A 180 24.49 5.83 4.35
N GLN A 181 24.25 7.01 4.94
CA GLN A 181 25.07 7.46 6.07
C GLN A 181 24.85 6.56 7.28
N ALA A 182 25.96 6.01 7.82
CA ALA A 182 26.02 5.12 8.97
C ALA A 182 27.01 5.69 10.00
N SER B 1 -0.32 -16.98 -10.73
CA SER B 1 -1.19 -16.14 -11.55
CA SER B 1 -1.18 -16.13 -11.56
C SER B 1 -1.34 -16.71 -12.96
N MET B 2 -2.57 -16.77 -13.44
CA MET B 2 -2.85 -17.30 -14.76
C MET B 2 -2.90 -16.22 -15.80
N GLU B 3 -2.30 -16.49 -16.96
CA GLU B 3 -2.17 -15.61 -18.13
C GLU B 3 -3.46 -14.89 -18.48
N MET B 4 -4.60 -15.60 -18.47
CA MET B 4 -5.90 -15.03 -18.78
CA MET B 4 -5.90 -15.02 -18.78
C MET B 4 -6.20 -13.84 -17.87
N ASP B 5 -6.02 -14.01 -16.55
CA ASP B 5 -6.29 -12.92 -15.61
C ASP B 5 -5.23 -11.85 -15.64
N GLU B 6 -3.96 -12.21 -15.84
CA GLU B 6 -2.86 -11.23 -15.95
C GLU B 6 -3.13 -10.27 -17.10
N LYS B 7 -3.60 -10.77 -18.25
CA LYS B 7 -3.91 -9.94 -19.43
C LYS B 7 -5.13 -9.05 -19.17
N ASP B 8 -6.17 -9.62 -18.53
CA ASP B 8 -7.38 -8.87 -18.21
C ASP B 8 -7.11 -7.68 -17.28
N PHE B 9 -6.07 -7.80 -16.42
CA PHE B 9 -5.71 -6.71 -15.53
C PHE B 9 -4.34 -6.10 -15.87
N ALA B 10 -3.88 -6.21 -17.14
CA ALA B 10 -2.61 -5.64 -17.54
C ALA B 10 -2.62 -4.11 -17.69
N ALA B 11 -3.76 -3.52 -18.13
CA ALA B 11 -3.86 -2.08 -18.32
C ALA B 11 -3.77 -1.27 -17.01
N ASP B 12 -3.44 0.03 -17.10
CA ASP B 12 -3.33 0.86 -15.91
C ASP B 12 -4.67 1.23 -15.30
N SER B 13 -5.76 1.12 -16.06
CA SER B 13 -7.10 1.46 -15.57
C SER B 13 -8.17 0.67 -16.36
N TRP B 14 -9.45 0.81 -15.98
CA TRP B 14 -10.55 0.21 -16.72
C TRP B 14 -10.66 0.95 -18.07
N SER B 15 -10.47 2.29 -18.11
CA SER B 15 -10.59 3.03 -19.37
CA SER B 15 -10.53 3.10 -19.35
C SER B 15 -9.59 2.57 -20.44
N LEU B 16 -8.46 2.02 -20.04
CA LEU B 16 -7.46 1.51 -20.97
C LEU B 16 -7.63 0.01 -21.27
N ALA B 17 -8.33 -0.73 -20.40
CA ALA B 17 -8.54 -2.16 -20.54
C ALA B 17 -9.62 -2.49 -21.58
N VAL B 18 -10.65 -1.62 -21.66
CA VAL B 18 -11.74 -1.83 -22.59
C VAL B 18 -11.45 -1.16 -23.93
N ASP B 19 -12.09 -1.65 -25.01
CA ASP B 19 -12.00 -1.07 -26.35
C ASP B 19 -12.51 0.37 -26.30
N SER B 20 -11.88 1.29 -27.07
CA SER B 20 -12.26 2.71 -27.04
C SER B 20 -13.67 2.96 -27.53
N SER B 21 -14.15 2.17 -28.50
CA SER B 21 -15.53 2.31 -28.96
C SER B 21 -16.56 1.91 -27.87
N PHE B 22 -16.17 1.03 -26.93
CA PHE B 22 -17.03 0.64 -25.82
C PHE B 22 -17.00 1.73 -24.75
N LEU B 23 -15.81 2.26 -24.45
CA LEU B 23 -15.60 3.31 -23.44
C LEU B 23 -16.42 4.55 -23.80
N GLN B 24 -16.46 4.91 -25.10
CA GLN B 24 -17.15 6.10 -25.57
C GLN B 24 -18.67 6.03 -25.45
N GLN B 25 -19.24 4.85 -25.25
CA GLN B 25 -20.70 4.73 -25.04
C GLN B 25 -21.10 4.89 -23.56
N HIS B 26 -20.16 5.27 -22.66
CA HIS B 26 -20.47 5.38 -21.24
C HIS B 26 -20.29 6.78 -20.69
N LYS B 27 -21.06 7.11 -19.65
CA LYS B 27 -20.96 8.40 -18.95
C LYS B 27 -19.66 8.48 -18.15
N LYS B 28 -19.10 9.70 -17.98
CA LYS B 28 -17.85 9.87 -17.25
C LYS B 28 -17.91 9.31 -15.82
N GLU B 29 -19.03 9.46 -15.12
CA GLU B 29 -19.18 8.93 -13.76
C GLU B 29 -19.08 7.39 -13.70
N VAL B 30 -19.52 6.70 -14.76
CA VAL B 30 -19.44 5.25 -14.88
C VAL B 30 -17.97 4.87 -15.11
N MET B 31 -17.25 5.62 -15.96
CA MET B 31 -15.82 5.38 -16.22
C MET B 31 -15.00 5.50 -14.94
N LYS B 32 -15.28 6.55 -14.13
CA LYS B 32 -14.63 6.82 -12.86
C LYS B 32 -14.90 5.74 -11.81
N GLN B 33 -16.16 5.30 -11.68
CA GLN B 33 -16.54 4.25 -10.75
C GLN B 33 -15.87 2.92 -11.14
N GLN B 34 -15.91 2.58 -12.43
CA GLN B 34 -15.30 1.36 -12.95
C GLN B 34 -13.77 1.33 -12.80
N ASP B 35 -13.14 2.50 -12.87
CA ASP B 35 -11.70 2.63 -12.70
C ASP B 35 -11.29 2.17 -11.28
N VAL B 36 -12.05 2.58 -10.24
CA VAL B 36 -11.72 2.16 -8.87
C VAL B 36 -12.09 0.66 -8.65
N ILE B 37 -13.24 0.17 -9.19
CA ILE B 37 -13.59 -1.26 -9.06
C ILE B 37 -12.51 -2.15 -9.72
N TYR B 38 -12.01 -1.74 -10.89
CA TYR B 38 -10.94 -2.46 -11.58
C TYR B 38 -9.65 -2.47 -10.71
N GLU B 39 -9.32 -1.35 -10.04
CA GLU B 39 -8.14 -1.30 -9.18
C GLU B 39 -8.32 -2.23 -7.98
N LEU B 40 -9.54 -2.29 -7.39
CA LEU B 40 -9.79 -3.25 -6.31
C LEU B 40 -9.48 -4.72 -6.76
N ILE B 41 -9.95 -5.10 -7.95
CA ILE B 41 -9.74 -6.45 -8.45
C ILE B 41 -8.31 -6.70 -8.84
N GLN B 42 -7.69 -5.73 -9.51
CA GLN B 42 -6.31 -5.84 -9.96
C GLN B 42 -5.37 -5.99 -8.74
N THR B 43 -5.63 -5.22 -7.64
CA THR B 43 -4.79 -5.33 -6.45
C THR B 43 -5.09 -6.60 -5.63
N GLU B 44 -6.33 -7.15 -5.72
CA GLU B 44 -6.69 -8.41 -5.08
C GLU B 44 -5.98 -9.58 -5.81
N LEU B 45 -5.94 -9.51 -7.14
CA LEU B 45 -5.23 -10.47 -7.98
C LEU B 45 -3.71 -10.45 -7.59
N HIS B 46 -3.09 -9.24 -7.47
CA HIS B 46 -1.67 -9.14 -7.06
C HIS B 46 -1.43 -9.67 -5.64
N HIS B 47 -2.39 -9.46 -4.73
CA HIS B 47 -2.36 -9.95 -3.35
C HIS B 47 -2.40 -11.47 -3.30
N VAL B 48 -3.31 -12.12 -4.06
CA VAL B 48 -3.38 -13.58 -4.14
C VAL B 48 -2.07 -14.11 -4.76
N ARG B 49 -1.54 -13.41 -5.77
CA ARG B 49 -0.23 -13.76 -6.34
C ARG B 49 0.94 -13.66 -5.27
N THR B 50 0.95 -12.66 -4.38
CA THR B 50 1.95 -12.54 -3.29
C THR B 50 1.85 -13.76 -2.36
N LEU B 51 0.62 -14.13 -1.98
CA LEU B 51 0.36 -15.29 -1.14
C LEU B 51 0.78 -16.62 -1.84
N LYS B 52 0.70 -16.71 -3.18
CA LYS B 52 1.15 -17.90 -3.90
C LYS B 52 2.66 -18.02 -3.97
N ILE B 53 3.36 -16.88 -4.00
CA ILE B 53 4.83 -16.86 -3.97
C ILE B 53 5.30 -17.34 -2.56
N MET B 54 4.60 -16.91 -1.51
CA MET B 54 4.92 -17.35 -0.15
C MET B 54 4.71 -18.84 0.07
N THR B 55 3.57 -19.40 -0.38
CA THR B 55 3.29 -20.83 -0.19
C THR B 55 4.06 -21.76 -1.14
N ARG B 56 4.02 -21.48 -2.46
CA ARG B 56 4.62 -22.38 -3.42
C ARG B 56 6.09 -22.16 -3.65
N LEU B 57 6.54 -20.90 -3.72
CA LEU B 57 7.94 -20.65 -3.99
C LEU B 57 8.80 -20.70 -2.74
N PHE B 58 8.48 -19.90 -1.74
CA PHE B 58 9.26 -19.86 -0.52
C PHE B 58 9.02 -21.05 0.44
N ARG B 59 7.79 -21.24 0.95
CA ARG B 59 7.46 -22.28 1.92
C ARG B 59 7.71 -23.70 1.43
N THR B 60 7.16 -24.06 0.24
CA THR B 60 7.31 -25.39 -0.35
C THR B 60 8.75 -25.64 -0.80
N GLY B 61 9.40 -24.60 -1.32
CA GLY B 61 10.80 -24.69 -1.71
C GLY B 61 11.69 -25.03 -0.52
N MET B 62 11.43 -24.41 0.66
CA MET B 62 12.22 -24.72 1.86
C MET B 62 11.99 -26.14 2.36
N LEU B 63 10.75 -26.64 2.24
CA LEU B 63 10.44 -28.00 2.66
C LEU B 63 11.07 -29.03 1.73
N GLU B 64 11.15 -28.74 0.43
CA GLU B 64 11.70 -29.68 -0.55
C GLU B 64 13.19 -29.53 -0.85
N GLU B 65 13.83 -28.41 -0.45
CA GLU B 65 15.25 -28.21 -0.76
C GLU B 65 16.14 -28.06 0.49
N LEU B 66 15.57 -27.71 1.65
CA LEU B 66 16.35 -27.50 2.85
C LEU B 66 16.04 -28.49 3.98
N HIS B 67 16.95 -28.63 4.94
CA HIS B 67 16.72 -29.53 6.07
C HIS B 67 16.42 -28.67 7.28
N LEU B 68 15.36 -27.87 7.18
CA LEU B 68 14.94 -27.01 8.29
C LEU B 68 13.82 -27.70 9.03
N GLU B 69 13.70 -27.43 10.33
CA GLU B 69 12.60 -27.95 11.15
C GLU B 69 11.26 -27.36 10.58
N PRO B 70 10.17 -28.15 10.39
CA PRO B 70 8.93 -27.56 9.83
C PRO B 70 8.30 -26.46 10.71
N GLY B 71 8.72 -26.39 11.98
CA GLY B 71 8.32 -25.37 12.93
C GLY B 71 8.96 -24.03 12.60
N VAL B 72 10.17 -24.05 12.02
CA VAL B 72 10.92 -22.91 11.52
C VAL B 72 10.21 -22.33 10.28
N VAL B 73 9.72 -23.20 9.40
CA VAL B 73 8.99 -22.80 8.20
C VAL B 73 7.65 -22.16 8.56
N GLN B 74 6.99 -22.69 9.61
CA GLN B 74 5.73 -22.17 10.13
C GLN B 74 5.92 -20.80 10.78
N GLY B 75 7.06 -20.59 11.43
CA GLY B 75 7.42 -19.29 11.99
C GLY B 75 7.73 -18.28 10.90
N LEU B 76 8.31 -18.72 9.77
CA LEU B 76 8.61 -17.84 8.65
C LEU B 76 7.36 -17.40 7.87
N PHE B 77 6.38 -18.33 7.69
CA PHE B 77 5.16 -18.04 6.93
C PHE B 77 3.89 -18.41 7.71
N PRO B 78 3.58 -17.68 8.81
CA PRO B 78 2.37 -18.01 9.58
C PRO B 78 1.07 -17.82 8.80
N CYS B 79 0.08 -18.70 9.02
CA CYS B 79 -1.28 -18.65 8.45
C CYS B 79 -1.35 -18.41 6.93
N VAL B 80 -0.30 -18.73 6.16
CA VAL B 80 -0.31 -18.45 4.71
CA VAL B 80 -0.29 -18.43 4.73
C VAL B 80 -1.30 -19.33 3.94
N ASP B 81 -1.50 -20.61 4.37
CA ASP B 81 -2.47 -21.46 3.70
C ASP B 81 -3.88 -20.90 3.93
N GLU B 82 -4.17 -20.51 5.18
CA GLU B 82 -5.46 -19.94 5.54
CA GLU B 82 -5.48 -19.94 5.50
C GLU B 82 -5.72 -18.63 4.76
N LEU B 83 -4.72 -17.74 4.72
CA LEU B 83 -4.81 -16.45 4.01
C LEU B 83 -5.02 -16.69 2.51
N SER B 84 -4.32 -17.69 1.96
CA SER B 84 -4.44 -18.07 0.56
C SER B 84 -5.87 -18.51 0.26
N ASP B 85 -6.48 -19.36 1.10
CA ASP B 85 -7.86 -19.80 0.86
C ASP B 85 -8.91 -18.69 0.90
N ILE B 86 -8.80 -17.78 1.89
CA ILE B 86 -9.71 -16.64 2.06
C ILE B 86 -9.69 -15.68 0.84
N HIS B 87 -8.48 -15.26 0.44
CA HIS B 87 -8.33 -14.30 -0.64
C HIS B 87 -8.53 -14.95 -2.00
N THR B 88 -8.18 -16.25 -2.18
CA THR B 88 -8.42 -16.93 -3.45
C THR B 88 -9.92 -17.09 -3.68
N ARG B 89 -10.71 -17.39 -2.62
CA ARG B 89 -12.15 -17.44 -2.74
C ARG B 89 -12.72 -16.04 -3.08
N PHE B 90 -12.24 -14.97 -2.40
CA PHE B 90 -12.74 -13.60 -2.62
C PHE B 90 -12.44 -13.13 -4.06
N LEU B 91 -11.22 -13.40 -4.53
CA LEU B 91 -10.82 -13.07 -5.88
C LEU B 91 -11.72 -13.82 -6.90
N SER B 92 -11.96 -15.14 -6.67
CA SER B 92 -12.82 -15.96 -7.49
CA SER B 92 -12.82 -15.94 -7.53
C SER B 92 -14.21 -15.31 -7.70
N GLN B 93 -14.79 -14.76 -6.61
CA GLN B 93 -16.09 -14.12 -6.63
C GLN B 93 -16.08 -12.81 -7.39
N LEU B 94 -15.00 -12.04 -7.25
CA LEU B 94 -14.84 -10.77 -7.95
C LEU B 94 -14.70 -11.01 -9.47
N LEU B 95 -13.88 -12.00 -9.86
CA LEU B 95 -13.61 -12.35 -11.25
C LEU B 95 -14.82 -12.93 -11.96
N GLU B 96 -15.69 -13.67 -11.22
CA GLU B 96 -16.94 -14.20 -11.76
C GLU B 96 -17.95 -13.07 -11.95
N ARG B 97 -17.94 -12.07 -11.04
CA ARG B 97 -18.82 -10.90 -11.19
C ARG B 97 -18.43 -10.06 -12.42
N ARG B 98 -17.14 -10.01 -12.74
CA ARG B 98 -16.64 -9.31 -13.92
C ARG B 98 -17.03 -10.10 -15.19
N ARG B 99 -16.89 -11.44 -15.14
CA ARG B 99 -17.20 -12.26 -16.29
CA ARG B 99 -17.20 -12.30 -16.27
C ARG B 99 -18.68 -12.20 -16.63
N GLN B 100 -19.55 -12.15 -15.61
CA GLN B 100 -21.00 -12.01 -15.77
C GLN B 100 -21.36 -10.68 -16.44
N ALA B 101 -20.58 -9.65 -16.20
CA ALA B 101 -20.80 -8.31 -16.72
C ALA B 101 -20.23 -8.11 -18.12
N LEU B 102 -19.53 -9.11 -18.69
CA LEU B 102 -18.97 -9.00 -20.02
C LEU B 102 -20.03 -8.87 -21.10
N CYS B 103 -19.77 -7.97 -22.02
CA CYS B 103 -20.58 -7.71 -23.18
C CYS B 103 -20.43 -8.92 -24.14
N PRO B 104 -21.53 -9.58 -24.58
CA PRO B 104 -21.39 -10.76 -25.46
C PRO B 104 -20.54 -10.52 -26.71
N GLY B 105 -19.63 -11.44 -26.97
CA GLY B 105 -18.67 -11.29 -28.06
C GLY B 105 -17.38 -10.60 -27.62
N SER B 106 -17.28 -10.20 -26.35
CA SER B 106 -16.11 -9.54 -25.82
C SER B 106 -15.56 -10.30 -24.62
N THR B 107 -14.24 -10.31 -24.45
CA THR B 107 -13.61 -10.87 -23.23
C THR B 107 -12.97 -9.73 -22.37
N ARG B 108 -13.25 -8.44 -22.69
CA ARG B 108 -12.64 -7.34 -21.97
C ARG B 108 -13.60 -6.19 -21.60
N ASN B 109 -14.67 -6.00 -22.37
CA ASN B 109 -15.65 -4.95 -22.15
C ASN B 109 -16.73 -5.39 -21.16
N PHE B 110 -16.80 -4.68 -20.03
CA PHE B 110 -17.74 -4.97 -18.94
C PHE B 110 -17.98 -3.72 -18.12
N VAL B 111 -19.08 -3.69 -17.39
CA VAL B 111 -19.43 -2.62 -16.46
C VAL B 111 -20.08 -3.35 -15.28
N ILE B 112 -19.45 -3.35 -14.11
CA ILE B 112 -20.00 -4.01 -12.93
C ILE B 112 -20.95 -3.01 -12.26
N HIS B 113 -22.24 -3.38 -12.14
CA HIS B 113 -23.23 -2.49 -11.52
C HIS B 113 -23.41 -2.80 -10.02
N ARG B 114 -23.21 -4.07 -9.62
N ARG B 114 -23.19 -4.07 -9.62
CA ARG B 114 -23.34 -4.46 -8.21
CA ARG B 114 -23.33 -4.47 -8.23
C ARG B 114 -22.04 -5.00 -7.69
C ARG B 114 -22.03 -5.01 -7.69
N LEU B 115 -21.60 -4.49 -6.55
N LEU B 115 -21.60 -4.49 -6.56
CA LEU B 115 -20.38 -4.91 -5.89
CA LEU B 115 -20.37 -4.91 -5.88
C LEU B 115 -20.59 -4.98 -4.37
C LEU B 115 -20.58 -4.98 -4.37
N GLY B 116 -21.37 -4.05 -3.83
CA GLY B 116 -21.68 -3.98 -2.41
C GLY B 116 -22.12 -5.28 -1.79
N ASP B 117 -23.01 -6.05 -2.45
CA ASP B 117 -23.47 -7.35 -1.93
C ASP B 117 -22.31 -8.31 -1.67
N LEU B 118 -21.39 -8.37 -2.61
CA LEU B 118 -20.22 -9.23 -2.57
C LEU B 118 -19.29 -8.79 -1.41
N LEU B 119 -19.16 -7.47 -1.20
CA LEU B 119 -18.31 -6.94 -0.14
C LEU B 119 -18.95 -7.17 1.23
N ILE B 120 -20.29 -7.11 1.33
CA ILE B 120 -20.97 -7.37 2.60
C ILE B 120 -20.78 -8.84 3.00
N SER B 121 -20.86 -9.79 2.06
CA SER B 121 -20.68 -11.21 2.36
CA SER B 121 -20.69 -11.20 2.37
C SER B 121 -19.28 -11.49 2.87
N GLN B 122 -18.27 -10.91 2.22
CA GLN B 122 -16.88 -11.10 2.60
C GLN B 122 -16.57 -10.52 3.97
N PHE B 123 -17.10 -9.34 4.30
CA PHE B 123 -16.74 -8.69 5.55
C PHE B 123 -17.82 -8.82 6.66
N SER B 124 -18.68 -9.85 6.57
CA SER B 124 -19.69 -10.08 7.61
C SER B 124 -19.81 -11.58 7.92
N GLY B 125 -20.36 -11.92 9.09
CA GLY B 125 -20.59 -13.29 9.49
C GLY B 125 -19.35 -14.15 9.63
N PRO B 126 -19.49 -15.47 9.47
CA PRO B 126 -18.34 -16.37 9.63
C PRO B 126 -17.12 -16.03 8.79
N SER B 127 -17.37 -15.46 7.61
CA SER B 127 -16.34 -15.06 6.66
C SER B 127 -15.45 -13.97 7.28
N ALA B 128 -16.05 -12.99 7.96
CA ALA B 128 -15.31 -11.91 8.63
C ALA B 128 -14.61 -12.40 9.87
N GLU B 129 -15.24 -13.33 10.61
CA GLU B 129 -14.65 -13.89 11.82
C GLU B 129 -13.37 -14.63 11.48
N GLN B 130 -13.39 -15.40 10.40
CA GLN B 130 -12.20 -16.14 9.99
CA GLN B 130 -12.23 -16.16 9.92
C GLN B 130 -11.08 -15.21 9.58
N MET B 131 -11.39 -14.08 8.92
CA MET B 131 -10.39 -13.08 8.49
C MET B 131 -9.81 -12.35 9.70
N CYS B 132 -10.65 -12.01 10.69
CA CYS B 132 -10.23 -11.30 11.88
C CYS B 132 -9.26 -12.14 12.68
N LYS B 133 -9.60 -13.38 12.95
CA LYS B 133 -8.74 -14.29 13.68
C LYS B 133 -7.45 -14.59 12.93
N THR B 134 -7.52 -14.74 11.60
CA THR B 134 -6.35 -15.03 10.78
C THR B 134 -5.39 -13.85 10.72
N TYR B 135 -5.92 -12.63 10.56
CA TYR B 135 -5.09 -11.45 10.49
C TYR B 135 -4.55 -11.05 11.86
N SER B 136 -5.33 -11.27 12.94
CA SER B 136 -4.84 -11.03 14.30
C SER B 136 -3.68 -11.95 14.61
N GLU B 137 -3.75 -13.20 14.14
CA GLU B 137 -2.68 -14.16 14.35
C GLU B 137 -1.44 -13.75 13.48
N PHE B 138 -1.65 -13.53 12.17
CA PHE B 138 -0.58 -13.17 11.25
C PHE B 138 0.20 -11.92 11.72
N CYS B 139 -0.51 -10.86 12.06
CA CYS B 139 0.10 -9.61 12.49
C CYS B 139 0.78 -9.71 13.85
N SER B 140 0.32 -10.62 14.76
CA SER B 140 1.00 -10.85 16.05
C SER B 140 2.28 -11.64 15.86
N ARG B 141 2.40 -12.44 14.79
CA ARG B 141 3.58 -13.24 14.48
C ARG B 141 4.49 -12.62 13.42
N HIS B 142 4.15 -11.43 12.90
CA HIS B 142 4.85 -10.71 11.85
C HIS B 142 6.33 -10.37 12.21
N SER B 143 6.56 -9.72 13.36
CA SER B 143 7.92 -9.36 13.77
CA SER B 143 7.91 -9.35 13.81
C SER B 143 8.82 -10.58 13.99
N LYS B 144 8.29 -11.63 14.64
CA LYS B 144 9.01 -12.87 14.89
C LYS B 144 9.40 -13.55 13.58
N ALA B 145 8.54 -13.44 12.54
CA ALA B 145 8.79 -14.01 11.21
C ALA B 145 9.98 -13.30 10.53
N LEU B 146 10.06 -11.96 10.63
CA LEU B 146 11.18 -11.17 10.11
C LEU B 146 12.49 -11.48 10.86
N LYS B 147 12.42 -11.61 12.20
CA LYS B 147 13.63 -11.89 12.99
C LYS B 147 14.15 -13.31 12.70
N LEU B 148 13.25 -14.26 12.51
CA LEU B 148 13.62 -15.64 12.19
C LEU B 148 14.28 -15.67 10.82
N TYR B 149 13.74 -14.94 9.84
CA TYR B 149 14.28 -14.85 8.49
C TYR B 149 15.72 -14.33 8.53
N LYS B 150 15.95 -13.22 9.25
CA LYS B 150 17.25 -12.56 9.37
C LYS B 150 18.28 -13.42 10.06
N GLU B 151 17.86 -14.22 11.04
CA GLU B 151 18.77 -15.12 11.72
C GLU B 151 19.22 -16.24 10.81
N LEU B 152 18.28 -16.85 10.07
CA LEU B 152 18.57 -17.91 9.13
C LEU B 152 19.46 -17.43 8.00
N TYR B 153 19.24 -16.21 7.53
CA TYR B 153 20.05 -15.63 6.46
C TYR B 153 21.49 -15.31 6.95
N ALA B 154 21.66 -14.93 8.22
CA ALA B 154 22.98 -14.61 8.76
C ALA B 154 23.74 -15.80 9.36
N ARG B 155 23.09 -16.96 9.55
CA ARG B 155 23.76 -18.10 10.14
CA ARG B 155 23.71 -18.13 10.17
C ARG B 155 23.88 -19.30 9.20
N ASP B 156 22.86 -19.57 8.39
CA ASP B 156 22.81 -20.69 7.43
C ASP B 156 23.22 -20.29 6.01
N LYS B 157 24.30 -20.90 5.51
CA LYS B 157 24.83 -20.68 4.17
C LYS B 157 23.89 -21.27 3.08
N ARG B 158 23.25 -22.41 3.38
CA ARG B 158 22.31 -23.07 2.45
C ARG B 158 20.99 -22.27 2.31
N PHE B 159 20.53 -21.64 3.40
CA PHE B 159 19.34 -20.79 3.37
C PHE B 159 19.63 -19.58 2.50
N GLN B 160 20.83 -18.98 2.63
CA GLN B 160 21.27 -17.86 1.80
C GLN B 160 21.26 -18.27 0.32
N GLN B 161 21.80 -19.46 0.01
CA GLN B 161 21.83 -20.01 -1.35
C GLN B 161 20.41 -20.11 -1.93
N PHE B 162 19.49 -20.69 -1.15
CA PHE B 162 18.10 -20.86 -1.53
C PHE B 162 17.46 -19.51 -1.83
N ILE B 163 17.64 -18.53 -0.94
CA ILE B 163 17.06 -17.19 -1.12
C ILE B 163 17.63 -16.49 -2.35
N ARG B 164 18.96 -16.50 -2.54
CA ARG B 164 19.59 -15.86 -3.69
C ARG B 164 19.08 -16.45 -5.00
N LYS B 165 18.93 -17.77 -5.03
CA LYS B 165 18.45 -18.51 -6.17
C LYS B 165 16.96 -18.25 -6.52
N VAL B 166 16.00 -18.40 -5.57
CA VAL B 166 14.58 -18.24 -5.91
C VAL B 166 14.17 -16.79 -6.16
N THR B 167 14.84 -15.81 -5.51
CA THR B 167 14.49 -14.40 -5.71
C THR B 167 15.25 -13.73 -6.88
N ARG B 168 16.13 -14.48 -7.59
CA ARG B 168 16.88 -13.99 -8.74
C ARG B 168 15.98 -13.43 -9.89
N PRO B 169 14.93 -14.12 -10.39
CA PRO B 169 14.06 -13.52 -11.42
C PRO B 169 13.63 -12.05 -11.22
N ALA B 170 13.57 -11.26 -12.31
CA ALA B 170 13.17 -9.85 -12.26
C ALA B 170 11.76 -9.65 -11.71
N VAL B 171 10.82 -10.53 -12.08
CA VAL B 171 9.43 -10.47 -11.61
C VAL B 171 9.27 -10.56 -10.08
N LEU B 172 10.34 -10.96 -9.37
CA LEU B 172 10.35 -11.10 -7.93
C LEU B 172 11.12 -9.96 -7.21
N LYS B 173 11.51 -8.90 -7.94
CA LYS B 173 12.29 -7.77 -7.42
C LYS B 173 11.75 -7.17 -6.11
N ARG B 174 10.43 -6.95 -6.02
CA ARG B 174 9.80 -6.43 -4.83
C ARG B 174 9.02 -7.47 -4.02
N HIS B 175 9.34 -8.76 -4.20
CA HIS B 175 8.63 -9.84 -3.56
C HIS B 175 9.53 -10.80 -2.83
N GLY B 176 10.50 -10.27 -2.10
CA GLY B 176 11.33 -11.11 -1.24
C GLY B 176 10.52 -11.52 -0.03
N VAL B 177 11.11 -12.36 0.84
CA VAL B 177 10.40 -12.87 2.01
C VAL B 177 9.79 -11.77 2.89
N GLN B 178 10.60 -10.78 3.31
CA GLN B 178 10.16 -9.69 4.19
C GLN B 178 9.20 -8.74 3.48
N GLU B 179 9.39 -8.52 2.17
CA GLU B 179 8.48 -7.68 1.41
C GLU B 179 7.08 -8.36 1.36
N CYS B 180 7.02 -9.68 1.16
CA CYS B 180 5.76 -10.43 1.10
C CYS B 180 4.99 -10.34 2.44
N ILE B 181 5.69 -10.43 3.57
CA ILE B 181 5.05 -10.32 4.88
C ILE B 181 4.46 -8.91 5.11
N LEU B 182 5.18 -7.84 4.70
CA LEU B 182 4.67 -6.49 4.90
C LEU B 182 3.53 -6.20 3.93
N LEU B 183 3.65 -6.67 2.69
CA LEU B 183 2.56 -6.54 1.69
C LEU B 183 1.25 -7.17 2.20
N VAL B 184 1.34 -8.32 2.87
CA VAL B 184 0.17 -9.01 3.43
C VAL B 184 -0.43 -8.26 4.61
N THR B 185 0.40 -7.76 5.55
CA THR B 185 -0.10 -7.00 6.72
C THR B 185 -0.81 -5.71 6.25
N GLN B 186 -0.22 -5.04 5.25
CA GLN B 186 -0.76 -3.78 4.72
C GLN B 186 -2.01 -3.91 3.87
N ARG B 187 -2.35 -5.15 3.36
CA ARG B 187 -3.48 -5.35 2.48
C ARG B 187 -4.81 -4.93 3.07
N ILE B 188 -5.05 -5.33 4.31
CA ILE B 188 -6.30 -5.06 4.97
C ILE B 188 -6.57 -3.56 5.15
N THR B 189 -5.51 -2.75 5.32
CA THR B 189 -5.72 -1.32 5.51
C THR B 189 -5.98 -0.58 4.15
N LYS B 190 -5.85 -1.27 2.98
CA LYS B 190 -6.18 -0.67 1.68
C LYS B 190 -7.71 -0.73 1.38
N TYR B 191 -8.43 -1.73 1.95
CA TYR B 191 -9.86 -1.90 1.62
C TYR B 191 -10.73 -0.67 1.89
N PRO B 192 -10.64 0.03 3.07
CA PRO B 192 -11.48 1.21 3.25
C PRO B 192 -11.15 2.29 2.23
N LEU B 193 -9.87 2.43 1.85
CA LEU B 193 -9.45 3.41 0.88
CA LEU B 193 -9.44 3.41 0.86
C LEU B 193 -10.11 3.11 -0.49
N LEU B 194 -10.03 1.85 -0.96
CA LEU B 194 -10.63 1.43 -2.24
C LEU B 194 -12.19 1.52 -2.25
N ILE B 195 -12.85 1.01 -1.20
CA ILE B 195 -14.30 1.06 -1.05
C ILE B 195 -14.87 2.49 -0.88
N SER B 196 -14.14 3.41 -0.20
CA SER B 196 -14.61 4.79 -0.02
CA SER B 196 -14.63 4.78 -0.03
CA SER B 196 -14.60 4.80 -0.02
C SER B 196 -14.57 5.53 -1.36
N ARG B 197 -13.53 5.29 -2.18
CA ARG B 197 -13.41 5.94 -3.47
C ARG B 197 -14.43 5.36 -4.46
N ILE B 198 -14.72 4.02 -4.39
CA ILE B 198 -15.76 3.38 -5.22
C ILE B 198 -17.13 4.04 -4.85
N LEU B 199 -17.44 4.12 -3.53
CA LEU B 199 -18.66 4.71 -2.99
C LEU B 199 -18.87 6.16 -3.48
N GLN B 200 -17.81 6.94 -3.53
CA GLN B 200 -17.86 8.32 -4.01
C GLN B 200 -18.43 8.45 -5.45
N HIS B 201 -18.35 7.37 -6.27
CA HIS B 201 -18.89 7.39 -7.63
C HIS B 201 -20.03 6.35 -7.83
N SER B 202 -20.74 6.02 -6.74
CA SER B 202 -21.83 5.04 -6.81
C SER B 202 -23.13 5.59 -6.25
N HIS B 203 -23.46 6.84 -6.60
CA HIS B 203 -24.69 7.46 -6.13
C HIS B 203 -25.89 7.29 -7.10
N GLY B 204 -25.68 6.70 -8.28
CA GLY B 204 -26.73 6.46 -9.25
C GLY B 204 -27.80 5.55 -8.69
N ILE B 205 -27.47 4.28 -8.46
CA ILE B 205 -28.43 3.34 -7.85
CA ILE B 205 -28.43 3.34 -7.85
C ILE B 205 -28.30 3.52 -6.34
N GLU B 206 -29.42 3.77 -5.66
CA GLU B 206 -29.40 4.02 -4.20
C GLU B 206 -29.14 2.74 -3.38
N GLU B 207 -29.60 1.58 -3.86
CA GLU B 207 -29.33 0.32 -3.16
C GLU B 207 -27.82 0.04 -3.16
N GLU B 208 -27.10 0.42 -4.23
CA GLU B 208 -25.65 0.25 -4.31
C GLU B 208 -24.91 1.20 -3.35
N ARG B 209 -25.34 2.47 -3.26
CA ARG B 209 -24.74 3.43 -2.36
C ARG B 209 -24.85 2.94 -0.90
N GLN B 210 -26.00 2.32 -0.54
CA GLN B 210 -26.20 1.82 0.79
C GLN B 210 -25.39 0.56 1.05
N ASP B 211 -25.37 -0.38 0.08
CA ASP B 211 -24.59 -1.60 0.22
C ASP B 211 -23.09 -1.32 0.37
N LEU B 212 -22.58 -0.31 -0.34
CA LEU B 212 -21.18 0.14 -0.26
C LEU B 212 -20.90 0.86 1.06
N THR B 213 -21.89 1.57 1.60
CA THR B 213 -21.76 2.25 2.88
C THR B 213 -21.71 1.19 4.01
N THR B 214 -22.52 0.11 3.89
CA THR B 214 -22.53 -1.00 4.86
C THR B 214 -21.20 -1.75 4.78
N ALA B 215 -20.74 -2.04 3.58
CA ALA B 215 -19.45 -2.72 3.40
C ALA B 215 -18.30 -1.91 4.01
N LEU B 216 -18.34 -0.56 3.87
CA LEU B 216 -17.33 0.36 4.41
C LEU B 216 -17.28 0.31 5.93
N GLY B 217 -18.45 0.29 6.56
CA GLY B 217 -18.58 0.19 8.00
C GLY B 217 -18.11 -1.16 8.48
N LEU B 218 -18.43 -2.23 7.74
CA LEU B 218 -18.00 -3.58 8.10
C LEU B 218 -16.47 -3.75 8.00
N VAL B 219 -15.80 -3.22 6.95
CA VAL B 219 -14.33 -3.28 6.85
C VAL B 219 -13.64 -2.54 8.04
N LYS B 220 -14.09 -1.30 8.35
CA LYS B 220 -13.54 -0.52 9.46
C LYS B 220 -13.73 -1.24 10.80
N GLU B 221 -14.85 -1.96 10.96
CA GLU B 221 -15.12 -2.75 12.17
CA GLU B 221 -15.08 -2.72 12.19
C GLU B 221 -14.13 -3.91 12.24
N LEU B 222 -13.82 -4.55 11.07
CA LEU B 222 -12.89 -5.67 11.01
C LEU B 222 -11.48 -5.18 11.38
N LEU B 223 -11.02 -4.09 10.76
CA LEU B 223 -9.71 -3.50 11.06
C LEU B 223 -9.56 -3.16 12.54
N SER B 224 -10.62 -2.59 13.15
CA SER B 224 -10.61 -2.23 14.56
CA SER B 224 -10.61 -2.23 14.56
C SER B 224 -10.43 -3.45 15.46
N ASN B 225 -11.10 -4.58 15.15
CA ASN B 225 -10.97 -5.81 15.94
C ASN B 225 -9.59 -6.47 15.70
N VAL B 226 -9.08 -6.46 14.44
CA VAL B 226 -7.76 -7.01 14.12
C VAL B 226 -6.68 -6.24 14.92
N ASP B 227 -6.81 -4.91 14.92
CA ASP B 227 -5.91 -3.99 15.62
C ASP B 227 -5.98 -4.20 17.14
N GLU B 228 -7.18 -4.48 17.69
CA GLU B 228 -7.31 -4.75 19.12
C GLU B 228 -6.73 -6.14 19.50
N GLY B 229 -6.82 -7.11 18.60
CA GLY B 229 -6.33 -8.46 18.82
C GLY B 229 -4.84 -8.67 18.65
N ILE B 230 -4.11 -7.63 18.22
CA ILE B 230 -2.66 -7.75 18.02
C ILE B 230 -1.88 -7.69 19.34
N TYR B 231 -0.95 -8.64 19.51
CA TYR B 231 -0.02 -8.75 20.63
C TYR B 231 1.24 -9.37 20.07
N GLN B 232 2.20 -8.53 19.63
CA GLN B 232 3.48 -8.92 19.03
C GLN B 232 4.25 -9.96 19.84
N LEU B 233 4.48 -11.13 19.24
CA LEU B 233 5.26 -12.21 19.84
C LEU B 233 6.77 -11.95 19.62
N GLU B 234 7.63 -12.63 20.38
CA GLU B 234 9.07 -12.47 20.23
C GLU B 234 9.77 -13.79 19.90
N LYS B 235 10.91 -13.70 19.19
CA LYS B 235 11.70 -14.87 18.79
C LYS B 235 12.23 -15.72 19.98
#